data_4F0B
#
_entry.id   4F0B
#
_cell.length_a   50.907
_cell.length_b   53.947
_cell.length_c   165.225
_cell.angle_alpha   90.00
_cell.angle_beta   90.00
_cell.angle_gamma   90.00
#
_symmetry.space_group_name_H-M   'P 21 21 21'
#
loop_
_entity.id
_entity.type
_entity.pdbx_description
1 polymer 'THIOL TRANSFERASE'
2 non-polymer 'OXIDIZED GLUTATHIONE DISULFIDE'
3 non-polymer GLYCEROL
4 water water
#
_entity_poly.entity_id   1
_entity_poly.type   'polypeptide(L)'
_entity_poly.pdbx_seq_one_letter_code
;MATNTDKPVVHYTAPTPNGWVPAILLEELKAVYGGPDYETVKMSIRDADIGKVHNQVKSDWFLKICPNGRIPAITHEGFP
VFETSAILLYLAQHFDKENAFSRDPVKDPKGYSEELQWLFFAHGGIGPMQGQANHFNLYAPEKIPYAINRYLNESKRLYR
VLDDRLKGREYILGTYGIADIKIFGWARIAPRTGLDLDEFPNVKAWVERIEKRPAVQAGINSCN
;
_entity_poly.pdbx_strand_id   A,B
#
# COMPACT_ATOMS: atom_id res chain seq x y z
N THR A 5 8.56 32.31 11.02
CA THR A 5 8.12 31.80 9.72
C THR A 5 8.78 30.46 9.38
N ASP A 6 9.37 29.81 10.39
CA ASP A 6 9.98 28.49 10.15
C ASP A 6 8.99 27.46 9.71
N LYS A 7 9.38 26.64 8.74
N LYS A 7 9.43 26.65 8.74
CA LYS A 7 8.53 25.55 8.29
CA LYS A 7 8.63 25.58 8.19
C LYS A 7 9.33 24.29 8.02
C LYS A 7 9.48 24.33 8.03
N PRO A 8 9.49 23.46 9.07
CA PRO A 8 10.34 22.26 9.07
C PRO A 8 9.85 21.16 8.17
N VAL A 9 8.58 21.20 7.77
CA VAL A 9 8.07 20.23 6.80
C VAL A 9 7.78 20.99 5.52
N VAL A 10 8.22 20.44 4.39
CA VAL A 10 7.78 20.94 3.08
C VAL A 10 6.91 19.86 2.44
N HIS A 11 5.71 20.24 2.00
CA HIS A 11 4.76 19.30 1.40
C HIS A 11 4.64 19.56 -0.08
N TYR A 12 5.08 18.61 -0.91
CA TYR A 12 4.98 18.71 -2.36
C TYR A 12 3.69 18.01 -2.76
N THR A 13 2.75 18.77 -3.31
CA THR A 13 1.42 18.22 -3.45
C THR A 13 0.64 18.82 -4.62
N ALA A 14 -0.61 18.36 -4.75
CA ALA A 14 -1.57 18.87 -5.74
C ALA A 14 -2.95 18.55 -5.18
N PRO A 15 -3.97 19.25 -5.64
CA PRO A 15 -5.31 19.06 -5.06
C PRO A 15 -5.99 17.82 -5.63
N THR A 16 -5.73 16.70 -4.99
CA THR A 16 -6.12 15.37 -5.50
C THR A 16 -6.39 14.47 -4.30
N PRO A 17 -7.03 13.31 -4.51
CA PRO A 17 -7.34 12.41 -3.39
C PRO A 17 -6.12 11.93 -2.62
N ASN A 18 -4.95 11.88 -3.27
CA ASN A 18 -3.72 11.60 -2.56
C ASN A 18 -3.05 12.85 -1.97
N GLY A 19 -3.00 13.92 -2.75
CA GLY A 19 -2.37 15.17 -2.29
C GLY A 19 -2.97 15.78 -1.04
N TRP A 20 -4.28 15.59 -0.84
CA TRP A 20 -4.92 16.26 0.30
C TRP A 20 -4.50 15.65 1.62
N VAL A 21 -4.17 14.35 1.62
CA VAL A 21 -4.18 13.64 2.89
C VAL A 21 -3.05 14.02 3.87
N PRO A 22 -1.80 14.23 3.39
CA PRO A 22 -0.82 14.70 4.38
C PRO A 22 -1.13 16.09 4.90
N ALA A 23 -1.74 16.95 4.09
CA ALA A 23 -2.07 18.31 4.53
C ALA A 23 -3.16 18.25 5.62
N ILE A 24 -4.12 17.35 5.43
CA ILE A 24 -5.12 17.13 6.47
C ILE A 24 -4.45 16.71 7.79
N LEU A 25 -3.56 15.73 7.76
CA LEU A 25 -2.89 15.38 8.99
C LEU A 25 -2.07 16.53 9.58
N LEU A 26 -1.33 17.26 8.74
CA LEU A 26 -0.56 18.40 9.26
C LEU A 26 -1.48 19.40 9.97
N GLU A 27 -2.65 19.68 9.41
CA GLU A 27 -3.55 20.61 10.06
C GLU A 27 -4.18 20.02 11.33
N GLU A 28 -4.46 18.72 11.34
CA GLU A 28 -4.95 18.08 12.58
C GLU A 28 -3.90 18.17 13.68
N LEU A 29 -2.63 17.95 13.30
CA LEU A 29 -1.54 18.05 14.28
C LEU A 29 -1.39 19.48 14.76
N LYS A 30 -1.43 20.45 13.85
CA LYS A 30 -1.31 21.86 14.25
C LYS A 30 -2.42 22.24 15.26
N ALA A 31 -3.64 21.73 15.07
CA ALA A 31 -4.73 22.10 15.97
C ALA A 31 -4.57 21.51 17.37
N VAL A 32 -3.94 20.35 17.47
CA VAL A 32 -3.73 19.71 18.78
C VAL A 32 -2.44 20.16 19.47
N TYR A 33 -1.35 20.28 18.70
CA TYR A 33 0.00 20.49 19.23
C TYR A 33 0.62 21.85 18.98
N GLY A 34 0.01 22.63 18.08
CA GLY A 34 0.52 23.94 17.73
C GLY A 34 1.58 23.90 16.62
N GLY A 35 1.82 22.73 16.06
CA GLY A 35 2.77 22.54 14.98
C GLY A 35 2.72 21.09 14.51
N PRO A 36 3.52 20.72 13.48
CA PRO A 36 4.51 21.57 12.81
C PRO A 36 3.91 22.49 11.74
N ASP A 37 4.49 23.67 11.60
CA ASP A 37 4.19 24.48 10.43
C ASP A 37 4.87 23.90 9.21
N TYR A 38 4.36 24.23 8.04
CA TYR A 38 4.81 23.61 6.80
C TYR A 38 4.68 24.56 5.60
N GLU A 39 5.55 24.36 4.62
CA GLU A 39 5.45 24.99 3.32
C GLU A 39 4.73 24.04 2.40
N THR A 40 3.93 24.60 1.50
CA THR A 40 3.32 23.84 0.45
C THR A 40 3.92 24.23 -0.91
N VAL A 41 4.37 23.23 -1.66
CA VAL A 41 4.86 23.42 -3.03
C VAL A 41 3.86 22.72 -3.91
N LYS A 42 3.12 23.50 -4.69
CA LYS A 42 2.12 22.96 -5.59
C LYS A 42 2.78 22.47 -6.90
N MET A 43 2.63 21.19 -7.20
CA MET A 43 3.32 20.55 -8.31
C MET A 43 2.34 20.24 -9.42
N SER A 44 2.76 20.50 -10.66
CA SER A 44 2.01 19.99 -11.79
C SER A 44 2.14 18.48 -11.90
N ILE A 45 1.00 17.83 -12.06
CA ILE A 45 0.95 16.38 -12.26
C ILE A 45 0.56 16.07 -13.70
N ARG A 46 0.65 17.07 -14.58
CA ARG A 46 0.22 16.87 -15.97
C ARG A 46 1.38 16.49 -16.88
N ASP A 47 1.23 15.42 -17.65
CA ASP A 47 2.23 15.06 -18.64
C ASP A 47 2.51 16.20 -19.65
N ALA A 48 1.50 17.01 -19.97
CA ALA A 48 1.69 18.09 -20.93
C ALA A 48 2.70 19.13 -20.42
N ASP A 49 2.93 19.14 -19.11
CA ASP A 49 3.86 20.13 -18.53
C ASP A 49 5.27 19.59 -18.37
N ILE A 50 5.50 18.32 -18.64
CA ILE A 50 6.82 17.73 -18.48
C ILE A 50 7.89 18.53 -19.24
N GLY A 51 8.93 18.95 -18.52
CA GLY A 51 10.00 19.77 -19.07
C GLY A 51 9.74 21.26 -19.26
N LYS A 52 8.51 21.70 -19.05
N LYS A 52 8.50 21.70 -19.01
CA LYS A 52 8.20 23.11 -19.30
CA LYS A 52 8.06 23.05 -19.32
C LYS A 52 8.14 23.91 -18.01
C LYS A 52 7.79 23.91 -18.08
N VAL A 53 7.74 23.24 -16.93
CA VAL A 53 7.44 23.86 -15.63
C VAL A 53 8.47 23.28 -14.63
N HIS A 54 9.06 24.12 -13.77
CA HIS A 54 10.02 23.61 -12.78
C HIS A 54 9.32 22.69 -11.75
N ASN A 55 8.19 23.15 -11.22
CA ASN A 55 7.42 22.38 -10.24
C ASN A 55 6.51 21.38 -10.96
N GLN A 56 7.10 20.28 -11.39
CA GLN A 56 6.44 19.26 -12.18
C GLN A 56 7.01 17.92 -11.73
N VAL A 57 6.15 16.91 -11.59
CA VAL A 57 6.55 15.69 -10.90
C VAL A 57 7.62 14.84 -11.54
N LYS A 58 7.90 15.04 -12.84
CA LYS A 58 8.95 14.26 -13.50
C LYS A 58 10.28 15.00 -13.58
N SER A 59 10.34 16.18 -12.97
N SER A 59 10.35 16.19 -13.00
CA SER A 59 11.57 16.97 -12.98
CA SER A 59 11.57 16.97 -13.07
C SER A 59 12.64 16.23 -12.20
C SER A 59 12.65 16.32 -12.20
N ASP A 60 13.86 16.23 -12.73
CA ASP A 60 14.94 15.51 -12.08
C ASP A 60 15.14 15.91 -10.60
N TRP A 61 15.08 17.20 -10.29
CA TRP A 61 15.28 17.62 -8.90
C TRP A 61 14.27 16.95 -7.98
N PHE A 62 13.05 16.74 -8.46
CA PHE A 62 12.02 16.17 -7.61
C PHE A 62 12.21 14.67 -7.45
N LEU A 63 12.80 14.02 -8.45
CA LEU A 63 13.03 12.59 -8.38
C LEU A 63 13.98 12.25 -7.21
N LYS A 64 14.78 13.22 -6.76
CA LYS A 64 15.61 13.04 -5.56
C LYS A 64 14.82 12.95 -4.26
N ILE A 65 13.59 13.47 -4.29
CA ILE A 65 12.70 13.43 -3.13
C ILE A 65 11.72 12.28 -3.30
N CYS A 66 11.14 12.16 -4.48
CA CYS A 66 10.19 11.06 -4.76
C CYS A 66 10.64 10.34 -6.02
N PRO A 67 11.29 9.18 -5.87
CA PRO A 67 11.83 8.50 -7.06
C PRO A 67 10.76 8.03 -8.04
N ASN A 68 9.51 7.93 -7.58
CA ASN A 68 8.41 7.56 -8.41
C ASN A 68 7.88 8.72 -9.26
N GLY A 69 8.33 9.95 -8.98
CA GLY A 69 7.83 11.07 -9.77
C GLY A 69 6.34 11.31 -9.65
N ARG A 70 5.83 11.29 -8.41
CA ARG A 70 4.40 11.52 -8.15
C ARG A 70 4.28 12.29 -6.83
N ILE A 71 3.18 13.01 -6.67
CA ILE A 71 2.87 13.63 -5.37
C ILE A 71 1.91 12.71 -4.59
N PRO A 72 1.83 12.87 -3.28
CA PRO A 72 2.61 13.82 -2.45
C PRO A 72 3.93 13.24 -2.01
N ALA A 73 4.78 14.17 -1.57
CA ALA A 73 5.99 13.82 -0.86
C ALA A 73 6.24 14.92 0.15
N ILE A 74 7.02 14.60 1.18
CA ILE A 74 7.49 15.64 2.08
C ILE A 74 8.97 15.59 2.27
N THR A 75 9.54 16.71 2.71
CA THR A 75 10.83 16.66 3.38
C THR A 75 10.67 17.16 4.79
N HIS A 76 11.40 16.56 5.71
CA HIS A 76 11.39 16.99 7.09
C HIS A 76 12.81 17.14 7.52
N GLU A 77 13.17 18.41 7.73
CA GLU A 77 14.53 18.81 7.97
C GLU A 77 15.44 18.12 6.97
N GLY A 78 14.96 18.07 5.72
CA GLY A 78 15.74 17.50 4.62
C GLY A 78 15.49 16.03 4.31
N PHE A 79 14.92 15.27 5.26
CA PHE A 79 14.68 13.82 5.08
C PHE A 79 13.45 13.63 4.22
N PRO A 80 13.55 12.92 3.09
CA PRO A 80 12.40 12.79 2.19
C PRO A 80 11.49 11.60 2.53
N VAL A 81 10.20 11.79 2.34
CA VAL A 81 9.25 10.68 2.49
C VAL A 81 8.26 10.75 1.34
N PHE A 82 8.12 9.64 0.61
CA PHE A 82 7.11 9.57 -0.45
C PHE A 82 6.13 8.42 -0.12
N GLU A 83 5.02 8.40 -0.85
CA GLU A 83 3.84 7.51 -0.68
C GLU A 83 2.94 8.01 0.45
N THR A 84 1.72 8.43 0.07
CA THR A 84 0.74 8.96 1.04
C THR A 84 0.80 8.28 2.41
N SER A 85 0.56 6.97 2.45
CA SER A 85 0.41 6.27 3.73
C SER A 85 1.68 6.29 4.54
N ALA A 86 2.83 6.22 3.85
CA ALA A 86 4.14 6.27 4.55
C ALA A 86 4.36 7.67 5.15
N ILE A 87 3.91 8.69 4.43
CA ILE A 87 4.00 10.08 4.93
C ILE A 87 3.14 10.26 6.19
N LEU A 88 1.92 9.69 6.14
CA LEU A 88 1.05 9.78 7.33
C LEU A 88 1.71 9.10 8.53
N LEU A 89 2.25 7.90 8.31
CA LEU A 89 2.93 7.18 9.39
C LEU A 89 4.15 7.94 9.94
N TYR A 90 4.95 8.50 9.04
CA TYR A 90 6.13 9.26 9.47
C TYR A 90 5.74 10.48 10.31
N LEU A 91 4.76 11.24 9.81
CA LEU A 91 4.36 12.45 10.53
C LEU A 91 3.76 12.08 11.87
N ALA A 92 2.97 11.02 11.90
CA ALA A 92 2.44 10.57 13.19
C ALA A 92 3.56 10.20 14.15
N GLN A 93 4.55 9.43 13.69
CA GLN A 93 5.60 8.97 14.58
C GLN A 93 6.40 10.14 15.15
N HIS A 94 6.60 11.16 14.33
N HIS A 94 6.65 11.15 14.33
CA HIS A 94 7.45 12.28 14.66
CA HIS A 94 7.46 12.29 14.76
C HIS A 94 6.73 13.43 15.40
C HIS A 94 6.69 13.32 15.58
N PHE A 95 5.43 13.56 15.21
CA PHE A 95 4.68 14.71 15.74
C PHE A 95 3.44 14.38 16.55
N ASP A 96 2.94 13.15 16.52
CA ASP A 96 1.72 12.84 17.25
C ASP A 96 2.08 12.19 18.58
N LYS A 97 2.73 12.98 19.45
CA LYS A 97 3.34 12.44 20.65
C LYS A 97 2.36 11.87 21.68
N GLU A 98 1.11 12.32 21.61
CA GLU A 98 0.08 11.78 22.49
C GLU A 98 -0.85 10.80 21.78
N ASN A 99 -0.48 10.39 20.57
CA ASN A 99 -1.26 9.39 19.84
C ASN A 99 -2.75 9.76 19.74
N ALA A 100 -2.97 10.99 19.30
CA ALA A 100 -4.33 11.46 19.08
C ALA A 100 -4.91 10.93 17.77
N PHE A 101 -4.03 10.61 16.81
CA PHE A 101 -4.44 10.24 15.44
C PHE A 101 -3.78 8.98 14.95
N SER A 102 -3.14 8.24 15.84
CA SER A 102 -2.31 7.12 15.40
C SER A 102 -2.00 6.24 16.58
N ARG A 103 -1.63 4.99 16.34
N ARG A 103 -1.59 5.01 16.31
CA ARG A 103 -1.30 4.08 17.42
CA ARG A 103 -1.18 4.10 17.36
C ARG A 103 0.22 3.87 17.47
C ARG A 103 0.33 4.05 17.49
N ASP A 104 0.78 3.69 18.69
CA ASP A 104 2.21 3.51 18.89
C ASP A 104 2.63 2.05 18.69
N PRO A 105 3.68 1.80 17.89
CA PRO A 105 4.07 0.41 17.60
C PRO A 105 4.57 -0.35 18.82
N VAL A 106 5.14 0.34 19.79
CA VAL A 106 5.70 -0.32 20.96
C VAL A 106 4.64 -0.56 22.00
N LYS A 107 3.86 0.47 22.30
CA LYS A 107 2.87 0.36 23.37
C LYS A 107 1.61 -0.37 22.93
N ASP A 108 1.32 -0.38 21.63
CA ASP A 108 0.09 -0.97 21.14
C ASP A 108 0.39 -1.73 19.85
N PRO A 109 1.17 -2.81 19.93
CA PRO A 109 1.49 -3.55 18.70
C PRO A 109 0.27 -4.07 17.94
N LYS A 110 -0.78 -4.51 18.63
CA LYS A 110 -1.97 -4.97 17.90
C LYS A 110 -2.69 -3.83 17.20
N GLY A 111 -2.89 -2.71 17.89
CA GLY A 111 -3.58 -1.60 17.28
C GLY A 111 -2.78 -0.98 16.16
N TYR A 112 -1.46 -0.92 16.34
CA TYR A 112 -0.57 -0.43 15.28
C TYR A 112 -0.67 -1.35 14.07
N SER A 113 -0.63 -2.67 14.28
CA SER A 113 -0.84 -3.58 13.16
C SER A 113 -2.17 -3.36 12.45
N GLU A 114 -3.26 -3.20 13.21
CA GLU A 114 -4.53 -2.95 12.57
C GLU A 114 -4.51 -1.67 11.73
N GLU A 115 -3.89 -0.62 12.27
N GLU A 115 -3.85 -0.64 12.25
CA GLU A 115 -3.76 0.59 11.51
CA GLU A 115 -3.71 0.61 11.52
C GLU A 115 -2.98 0.35 10.20
C GLU A 115 -2.95 0.40 10.20
N LEU A 116 -1.85 -0.36 10.25
CA LEU A 116 -1.12 -0.72 9.03
C LEU A 116 -1.99 -1.54 8.07
N GLN A 117 -2.75 -2.49 8.60
CA GLN A 117 -3.58 -3.31 7.71
C GLN A 117 -4.58 -2.45 6.96
N TRP A 118 -5.27 -1.53 7.64
CA TRP A 118 -6.23 -0.67 6.94
C TRP A 118 -5.59 0.35 6.01
N LEU A 119 -4.41 0.84 6.38
CA LEU A 119 -3.67 1.71 5.45
C LEU A 119 -3.27 0.96 4.20
N PHE A 120 -2.72 -0.25 4.37
CA PHE A 120 -2.34 -1.06 3.21
C PHE A 120 -3.56 -1.48 2.39
N PHE A 121 -4.68 -1.77 3.04
CA PHE A 121 -5.89 -2.07 2.31
C PHE A 121 -6.25 -0.90 1.38
N ALA A 122 -6.24 0.32 1.91
CA ALA A 122 -6.57 1.50 1.13
C ALA A 122 -5.54 1.70 0.04
N HIS A 123 -4.26 1.46 0.36
CA HIS A 123 -3.16 1.81 -0.51
C HIS A 123 -3.06 0.84 -1.71
N GLY A 124 -3.50 -0.41 -1.50
CA GLY A 124 -3.46 -1.41 -2.56
C GLY A 124 -4.82 -1.68 -3.18
N GLY A 125 -5.88 -1.19 -2.56
CA GLY A 125 -7.26 -1.44 -2.97
C GLY A 125 -7.96 -0.19 -3.45
N ILE A 126 -8.47 0.59 -2.51
CA ILE A 126 -9.28 1.77 -2.87
C ILE A 126 -8.50 2.78 -3.77
N GLY A 127 -7.29 3.19 -3.39
CA GLY A 127 -6.61 4.19 -4.18
C GLY A 127 -6.33 3.70 -5.61
N PRO A 128 -5.72 2.53 -5.76
CA PRO A 128 -5.42 2.05 -7.13
C PRO A 128 -6.71 1.82 -7.92
N MET A 129 -7.71 1.15 -7.34
CA MET A 129 -8.88 0.75 -8.14
C MET A 129 -9.83 1.91 -8.41
N GLN A 130 -10.01 2.80 -7.42
CA GLN A 130 -10.84 3.97 -7.66
C GLN A 130 -10.09 4.93 -8.61
N GLY A 131 -8.75 4.91 -8.56
CA GLY A 131 -7.96 5.71 -9.49
C GLY A 131 -8.14 5.20 -10.93
N GLN A 132 -8.29 3.88 -11.09
CA GLN A 132 -8.50 3.33 -12.44
C GLN A 132 -9.91 3.66 -12.88
N ALA A 133 -10.88 3.58 -11.96
CA ALA A 133 -12.24 3.99 -12.32
C ALA A 133 -12.28 5.43 -12.79
N ASN A 134 -11.57 6.32 -12.09
CA ASN A 134 -11.52 7.70 -12.51
C ASN A 134 -10.84 7.81 -13.86
N HIS A 135 -9.76 7.04 -14.06
CA HIS A 135 -9.10 7.12 -15.37
C HIS A 135 -10.06 6.78 -16.51
N PHE A 136 -10.71 5.62 -16.42
CA PHE A 136 -11.56 5.19 -17.53
C PHE A 136 -12.87 5.98 -17.65
N ASN A 137 -13.43 6.36 -16.51
CA ASN A 137 -14.73 7.02 -16.55
C ASN A 137 -14.62 8.52 -16.81
N LEU A 138 -13.52 9.13 -16.39
CA LEU A 138 -13.44 10.59 -16.40
C LEU A 138 -12.37 11.13 -17.35
N TYR A 139 -11.25 10.42 -17.51
CA TYR A 139 -10.08 11.07 -18.15
C TYR A 139 -9.60 10.44 -19.44
N ALA A 140 -9.84 9.13 -19.64
CA ALA A 140 -9.32 8.46 -20.85
C ALA A 140 -9.91 9.07 -22.10
N PRO A 141 -9.11 9.17 -23.19
CA PRO A 141 -9.50 9.77 -24.46
C PRO A 141 -10.42 8.85 -25.27
N GLU A 142 -10.61 7.64 -24.80
CA GLU A 142 -11.65 6.78 -25.38
C GLU A 142 -12.49 6.13 -24.28
N LYS A 143 -13.78 5.94 -24.57
CA LYS A 143 -14.69 5.30 -23.64
C LYS A 143 -14.66 3.78 -23.86
N ILE A 144 -14.32 3.07 -22.79
CA ILE A 144 -14.18 1.60 -22.83
C ILE A 144 -15.09 0.99 -21.76
N PRO A 145 -16.33 0.65 -22.13
CA PRO A 145 -17.30 0.24 -21.13
C PRO A 145 -16.83 -0.94 -20.28
N TYR A 146 -16.13 -1.91 -20.85
CA TYR A 146 -15.65 -3.02 -20.03
C TYR A 146 -14.79 -2.53 -18.86
N ALA A 147 -13.88 -1.61 -19.15
CA ALA A 147 -12.97 -1.11 -18.13
C ALA A 147 -13.64 -0.19 -17.14
N ILE A 148 -14.52 0.68 -17.62
CA ILE A 148 -15.30 1.53 -16.74
C ILE A 148 -16.07 0.64 -15.74
N ASN A 149 -16.74 -0.37 -16.28
N ASN A 149 -16.76 -0.37 -16.25
CA ASN A 149 -17.54 -1.27 -15.49
CA ASN A 149 -17.53 -1.23 -15.37
C ASN A 149 -16.71 -2.11 -14.50
C ASN A 149 -16.65 -2.05 -14.43
N ARG A 150 -15.54 -2.58 -14.94
CA ARG A 150 -14.66 -3.36 -14.06
C ARG A 150 -14.26 -2.56 -12.84
N TYR A 151 -13.78 -1.33 -13.07
CA TYR A 151 -13.24 -0.55 -11.95
C TYR A 151 -14.32 0.12 -11.13
N LEU A 152 -15.47 0.46 -11.69
CA LEU A 152 -16.60 0.88 -10.85
C LEU A 152 -17.06 -0.29 -9.97
N ASN A 153 -17.17 -1.48 -10.53
CA ASN A 153 -17.60 -2.62 -9.75
C ASN A 153 -16.60 -2.98 -8.67
N GLU A 154 -15.30 -2.93 -8.98
CA GLU A 154 -14.31 -3.22 -7.96
C GLU A 154 -14.31 -2.15 -6.87
N SER A 155 -14.46 -0.88 -7.27
CA SER A 155 -14.58 0.18 -6.24
C SER A 155 -15.79 -0.08 -5.34
N LYS A 156 -16.93 -0.46 -5.91
CA LYS A 156 -18.08 -0.79 -5.10
C LYS A 156 -17.82 -1.95 -4.15
N ARG A 157 -17.12 -2.99 -4.60
CA ARG A 157 -16.79 -4.10 -3.72
C ARG A 157 -15.93 -3.60 -2.55
N LEU A 158 -14.93 -2.80 -2.84
CA LEU A 158 -14.05 -2.26 -1.80
C LEU A 158 -14.81 -1.36 -0.83
N TYR A 159 -15.72 -0.52 -1.36
CA TYR A 159 -16.53 0.31 -0.48
C TYR A 159 -17.53 -0.50 0.35
N ARG A 160 -17.94 -1.68 -0.12
CA ARG A 160 -18.81 -2.52 0.69
C ARG A 160 -18.00 -3.07 1.86
N VAL A 161 -16.74 -3.46 1.62
CA VAL A 161 -15.87 -3.86 2.72
C VAL A 161 -15.76 -2.72 3.75
N LEU A 162 -15.53 -1.50 3.30
CA LEU A 162 -15.40 -0.35 4.22
C LEU A 162 -16.73 -0.09 4.95
N ASP A 163 -17.85 -0.14 4.21
CA ASP A 163 -19.15 0.12 4.81
C ASP A 163 -19.45 -0.90 5.93
N ASP A 164 -19.19 -2.18 5.67
CA ASP A 164 -19.42 -3.21 6.68
C ASP A 164 -18.51 -3.01 7.90
N ARG A 165 -17.27 -2.61 7.66
CA ARG A 165 -16.37 -2.29 8.78
C ARG A 165 -16.93 -1.15 9.60
N LEU A 166 -17.50 -0.14 8.97
CA LEU A 166 -18.00 1.00 9.69
C LEU A 166 -19.34 0.74 10.40
N LYS A 167 -20.05 -0.34 10.09
CA LYS A 167 -21.25 -0.66 10.83
C LYS A 167 -20.94 -0.71 12.34
N GLY A 168 -21.73 0.02 13.12
CA GLY A 168 -21.58 0.06 14.57
C GLY A 168 -20.48 1.01 15.00
N ARG A 169 -19.85 1.73 14.07
CA ARG A 169 -18.70 2.58 14.39
C ARG A 169 -18.90 3.99 13.84
N GLU A 170 -18.08 4.93 14.32
CA GLU A 170 -17.96 6.21 13.65
C GLU A 170 -16.67 6.33 12.85
N TYR A 171 -15.61 5.57 13.21
CA TYR A 171 -14.31 5.64 12.53
C TYR A 171 -13.76 4.22 12.42
N ILE A 172 -12.84 4.03 11.47
CA ILE A 172 -12.42 2.68 11.12
C ILE A 172 -11.86 1.90 12.31
N LEU A 173 -11.00 2.57 13.09
CA LEU A 173 -10.39 1.95 14.25
C LEU A 173 -10.87 2.61 15.53
N GLY A 174 -12.16 2.97 15.56
CA GLY A 174 -12.73 3.49 16.81
C GLY A 174 -12.63 5.00 16.88
N THR A 175 -11.42 5.49 17.14
CA THR A 175 -11.15 6.92 17.12
C THR A 175 -10.60 7.34 15.76
N TYR A 176 -10.92 8.56 15.37
CA TYR A 176 -10.45 9.15 14.12
C TYR A 176 -8.94 9.21 14.06
N GLY A 177 -8.40 8.75 12.94
CA GLY A 177 -6.95 8.80 12.81
C GLY A 177 -6.50 8.59 11.38
N ILE A 178 -5.21 8.28 11.25
CA ILE A 178 -4.60 8.26 9.92
C ILE A 178 -5.20 7.25 8.96
N ALA A 179 -5.77 6.14 9.44
CA ALA A 179 -6.47 5.25 8.51
C ALA A 179 -7.69 5.90 7.90
N ASP A 180 -8.46 6.65 8.68
CA ASP A 180 -9.58 7.40 8.13
C ASP A 180 -9.11 8.46 7.16
N ILE A 181 -8.08 9.20 7.54
CA ILE A 181 -7.58 10.28 6.71
C ILE A 181 -7.17 9.78 5.33
N LYS A 182 -6.43 8.68 5.29
CA LYS A 182 -5.99 8.12 4.01
C LYS A 182 -7.15 7.80 3.08
N ILE A 183 -8.16 7.11 3.61
CA ILE A 183 -9.26 6.71 2.75
C ILE A 183 -10.18 7.88 2.41
N PHE A 184 -10.34 8.81 3.36
CA PHE A 184 -11.22 9.95 3.17
C PHE A 184 -10.89 10.76 1.91
N GLY A 185 -9.61 10.91 1.58
CA GLY A 185 -9.27 11.67 0.39
C GLY A 185 -9.91 11.11 -0.88
N TRP A 186 -9.98 9.77 -0.95
CA TRP A 186 -10.68 9.09 -2.04
C TRP A 186 -12.19 9.06 -1.88
N ALA A 187 -12.65 8.75 -0.66
CA ALA A 187 -14.09 8.58 -0.45
C ALA A 187 -14.86 9.88 -0.73
N ARG A 188 -14.27 11.05 -0.43
CA ARG A 188 -15.01 12.29 -0.65
C ARG A 188 -15.26 12.58 -2.13
N ILE A 189 -14.53 11.92 -3.03
CA ILE A 189 -14.80 12.06 -4.46
C ILE A 189 -15.41 10.80 -5.06
N ALA A 190 -15.78 9.82 -4.23
CA ALA A 190 -16.51 8.66 -4.75
C ALA A 190 -17.76 9.01 -5.61
N PRO A 191 -18.58 10.04 -5.21
CA PRO A 191 -19.75 10.36 -6.05
C PRO A 191 -19.34 10.77 -7.45
N ARG A 192 -18.25 11.53 -7.54
CA ARG A 192 -17.70 11.92 -8.82
C ARG A 192 -17.25 10.70 -9.61
N THR A 193 -16.58 9.77 -8.93
CA THR A 193 -16.13 8.55 -9.59
C THR A 193 -17.30 7.84 -10.22
N GLY A 194 -18.42 7.79 -9.49
CA GLY A 194 -19.63 7.16 -10.00
C GLY A 194 -20.32 6.26 -8.98
N LEU A 195 -19.91 6.33 -7.72
CA LEU A 195 -20.55 5.51 -6.72
C LEU A 195 -21.66 6.31 -6.06
N ASP A 196 -22.78 5.66 -5.84
CA ASP A 196 -23.88 6.29 -5.12
C ASP A 196 -23.66 5.97 -3.65
N LEU A 197 -23.25 6.98 -2.87
CA LEU A 197 -22.95 6.72 -1.47
C LEU A 197 -24.19 6.41 -0.63
N ASP A 198 -25.37 6.64 -1.18
CA ASP A 198 -26.56 6.14 -0.49
C ASP A 198 -26.57 4.59 -0.40
N GLU A 199 -25.81 3.92 -1.27
CA GLU A 199 -25.70 2.46 -1.21
C GLU A 199 -24.70 2.03 -0.15
N PHE A 200 -23.97 3.01 0.39
CA PHE A 200 -22.94 2.75 1.41
C PHE A 200 -23.17 3.78 2.53
N PRO A 201 -24.27 3.64 3.27
CA PRO A 201 -24.69 4.72 4.20
C PRO A 201 -23.73 4.90 5.38
N ASN A 202 -22.97 3.86 5.73
CA ASN A 202 -21.95 4.06 6.76
C ASN A 202 -20.77 4.86 6.25
N VAL A 203 -20.34 4.55 5.03
CA VAL A 203 -19.30 5.36 4.43
C VAL A 203 -19.79 6.80 4.27
N LYS A 204 -21.05 6.98 3.85
N LYS A 204 -21.05 6.97 3.86
CA LYS A 204 -21.56 8.32 3.62
CA LYS A 204 -21.57 8.31 3.62
C LYS A 204 -21.51 9.17 4.89
C LYS A 204 -21.55 9.18 4.88
N ALA A 205 -22.00 8.61 6.00
CA ALA A 205 -22.03 9.37 7.26
C ALA A 205 -20.62 9.65 7.78
N TRP A 206 -19.71 8.73 7.50
CA TRP A 206 -18.31 8.88 7.89
C TRP A 206 -17.62 9.99 7.08
N VAL A 207 -17.86 10.04 5.77
CA VAL A 207 -17.37 11.14 4.95
C VAL A 207 -17.89 12.47 5.47
N GLU A 208 -19.19 12.52 5.79
CA GLU A 208 -19.79 13.78 6.26
C GLU A 208 -19.18 14.24 7.58
N ARG A 209 -18.96 13.32 8.53
CA ARG A 209 -18.43 13.78 9.82
C ARG A 209 -16.98 14.22 9.72
N ILE A 210 -16.23 13.69 8.78
CA ILE A 210 -14.84 14.08 8.59
C ILE A 210 -14.78 15.41 7.80
N GLU A 211 -15.62 15.52 6.78
CA GLU A 211 -15.62 16.74 5.96
C GLU A 211 -15.87 18.00 6.80
N LYS A 212 -16.69 17.89 7.85
CA LYS A 212 -17.06 19.02 8.70
C LYS A 212 -15.90 19.51 9.58
N ARG A 213 -14.81 18.75 9.71
CA ARG A 213 -13.73 19.17 10.62
C ARG A 213 -12.97 20.36 10.04
N PRO A 214 -12.81 21.43 10.84
CA PRO A 214 -12.03 22.57 10.34
C PRO A 214 -10.62 22.20 9.87
N ALA A 215 -9.95 21.28 10.53
CA ALA A 215 -8.60 20.94 10.09
C ALA A 215 -8.61 20.26 8.72
N VAL A 216 -9.65 19.47 8.46
CA VAL A 216 -9.81 18.84 7.17
C VAL A 216 -9.97 19.90 6.07
N GLN A 217 -10.85 20.88 6.30
CA GLN A 217 -11.04 21.95 5.32
C GLN A 217 -9.72 22.73 5.13
N ALA A 218 -9.01 23.04 6.22
CA ALA A 218 -7.74 23.75 6.09
C ALA A 218 -6.72 22.95 5.29
N GLY A 219 -6.65 21.64 5.53
CA GLY A 219 -5.70 20.83 4.77
C GLY A 219 -6.03 20.77 3.29
N ILE A 220 -7.28 20.50 2.99
CA ILE A 220 -7.71 20.50 1.61
C ILE A 220 -7.41 21.82 0.92
N ASN A 221 -7.76 22.93 1.57
CA ASN A 221 -7.58 24.24 0.95
C ASN A 221 -6.11 24.59 0.72
N SER A 222 -5.22 24.03 1.54
CA SER A 222 -3.80 24.35 1.42
C SER A 222 -3.19 23.84 0.12
N CYS A 223 -3.85 22.89 -0.53
CA CYS A 223 -3.34 22.30 -1.77
C CYS A 223 -3.70 23.08 -3.03
N ASN A 224 -4.49 24.14 -2.89
CA ASN A 224 -4.91 24.96 -4.03
C ASN A 224 -3.88 26.02 -4.40
N THR B 5 -1.02 -28.83 19.86
CA THR B 5 0.08 -28.94 18.89
C THR B 5 -0.04 -27.98 17.72
N ASP B 6 -1.04 -27.10 17.78
CA ASP B 6 -1.24 -26.15 16.69
C ASP B 6 -0.05 -25.21 16.60
N LYS B 7 0.24 -24.78 15.38
N LYS B 7 0.25 -24.78 15.38
CA LYS B 7 1.33 -23.86 15.14
CA LYS B 7 1.37 -23.88 15.17
C LYS B 7 0.90 -22.48 15.61
C LYS B 7 0.91 -22.48 15.59
N PRO B 8 1.88 -21.63 15.99
CA PRO B 8 1.50 -20.28 16.42
C PRO B 8 1.06 -19.37 15.27
N VAL B 9 1.41 -19.71 14.03
CA VAL B 9 1.02 -18.91 12.88
C VAL B 9 0.28 -19.80 11.89
N VAL B 10 -0.89 -19.33 11.46
CA VAL B 10 -1.61 -20.01 10.38
C VAL B 10 -1.59 -19.08 9.16
N HIS B 11 -1.14 -19.61 8.01
CA HIS B 11 -1.02 -18.83 6.78
C HIS B 11 -2.06 -19.30 5.77
N TYR B 12 -3.01 -18.42 5.48
CA TYR B 12 -4.07 -18.64 4.49
C TYR B 12 -3.57 -18.07 3.18
N THR B 13 -3.36 -18.94 2.17
CA THR B 13 -2.63 -18.50 0.99
C THR B 13 -2.95 -19.28 -0.28
N ALA B 14 -2.34 -18.86 -1.37
CA ALA B 14 -2.45 -19.54 -2.65
C ALA B 14 -1.18 -19.20 -3.41
N PRO B 15 -0.78 -20.06 -4.36
CA PRO B 15 0.52 -19.86 -5.05
C PRO B 15 0.44 -18.72 -6.08
N THR B 16 0.75 -17.52 -5.63
CA THR B 16 0.53 -16.28 -6.37
C THR B 16 1.60 -15.28 -5.93
N PRO B 17 1.80 -14.18 -6.69
CA PRO B 17 2.79 -13.18 -6.29
C PRO B 17 2.58 -12.58 -4.90
N ASN B 18 1.33 -12.54 -4.41
CA ASN B 18 1.06 -12.10 -3.05
C ASN B 18 1.13 -13.22 -2.05
N GLY B 19 0.62 -14.40 -2.41
CA GLY B 19 0.57 -15.46 -1.44
C GLY B 19 1.93 -16.03 -1.04
N TRP B 20 2.92 -15.98 -1.93
CA TRP B 20 4.23 -16.54 -1.59
C TRP B 20 4.90 -15.75 -0.48
N VAL B 21 4.63 -14.46 -0.38
CA VAL B 21 5.60 -13.62 0.35
C VAL B 21 5.64 -13.79 1.88
N PRO B 22 4.47 -14.03 2.54
CA PRO B 22 4.60 -14.25 3.99
C PRO B 22 5.30 -15.59 4.27
N ALA B 23 5.06 -16.60 3.42
CA ALA B 23 5.74 -17.89 3.59
C ALA B 23 7.25 -17.77 3.42
N ILE B 24 7.69 -16.95 2.44
CA ILE B 24 9.12 -16.68 2.30
C ILE B 24 9.68 -16.11 3.62
N LEU B 25 9.01 -15.07 4.15
CA LEU B 25 9.54 -14.49 5.38
C LEU B 25 9.53 -15.50 6.53
N LEU B 26 8.46 -16.29 6.64
CA LEU B 26 8.41 -17.29 7.71
C LEU B 26 9.59 -18.28 7.64
N GLU B 27 9.90 -18.72 6.42
CA GLU B 27 11.02 -19.63 6.25
C GLU B 27 12.36 -18.92 6.51
N GLU B 28 12.49 -17.66 6.11
CA GLU B 28 13.71 -16.89 6.42
C GLU B 28 13.92 -16.77 7.94
N LEU B 29 12.82 -16.47 8.63
CA LEU B 29 12.89 -16.37 10.08
C LEU B 29 13.30 -17.69 10.70
N LYS B 30 12.67 -18.79 10.27
CA LYS B 30 13.08 -20.09 10.81
C LYS B 30 14.58 -20.39 10.61
N ALA B 31 15.09 -20.04 9.45
CA ALA B 31 16.49 -20.33 9.15
C ALA B 31 17.44 -19.54 10.06
N VAL B 32 17.00 -18.37 10.52
CA VAL B 32 17.84 -17.57 11.43
C VAL B 32 17.63 -17.90 12.90
N TYR B 33 16.36 -17.98 13.32
CA TYR B 33 16.00 -18.05 14.73
C TYR B 33 15.57 -19.43 15.17
N GLY B 34 15.34 -20.33 14.21
CA GLY B 34 14.88 -21.66 14.56
C GLY B 34 13.38 -21.81 14.53
N GLY B 35 12.66 -20.69 14.40
CA GLY B 35 11.21 -20.66 14.37
C GLY B 35 10.72 -19.29 13.93
N PRO B 36 9.41 -19.06 13.90
CA PRO B 36 8.35 -19.97 14.32
C PRO B 36 8.02 -20.96 13.24
N ASP B 37 7.22 -21.96 13.56
CA ASP B 37 6.59 -22.78 12.53
C ASP B 37 5.26 -22.20 12.13
N TYR B 38 4.75 -22.70 11.03
CA TYR B 38 3.43 -22.25 10.57
C TYR B 38 2.65 -23.36 9.92
N GLU B 39 1.34 -23.22 9.99
CA GLU B 39 0.39 -24.08 9.31
C GLU B 39 -0.05 -23.37 8.04
N THR B 40 -0.15 -24.10 6.94
CA THR B 40 -0.66 -23.57 5.68
C THR B 40 -2.08 -24.05 5.40
N VAL B 41 -2.95 -23.09 5.11
CA VAL B 41 -4.30 -23.39 4.64
C VAL B 41 -4.36 -22.87 3.19
N LYS B 42 -4.41 -23.79 2.24
CA LYS B 42 -4.49 -23.44 0.84
C LYS B 42 -5.93 -23.03 0.52
N MET B 43 -6.09 -21.82 0.01
CA MET B 43 -7.39 -21.25 -0.29
C MET B 43 -7.63 -21.18 -1.77
N SER B 44 -8.85 -21.48 -2.19
CA SER B 44 -9.24 -21.22 -3.57
C SER B 44 -9.45 -19.75 -3.81
N ILE B 45 -8.88 -19.26 -4.90
CA ILE B 45 -9.09 -17.92 -5.42
C ILE B 45 -9.85 -17.96 -6.74
N ARG B 46 -10.53 -19.08 -6.99
CA ARG B 46 -11.33 -19.20 -8.21
C ARG B 46 -12.75 -18.69 -7.95
N ASP B 47 -13.20 -17.71 -8.72
CA ASP B 47 -14.56 -17.20 -8.56
C ASP B 47 -15.60 -18.30 -8.79
N ALA B 48 -15.30 -19.27 -9.66
CA ALA B 48 -16.23 -20.39 -9.87
C ALA B 48 -16.47 -21.27 -8.63
N ASP B 49 -15.62 -21.10 -7.62
CA ASP B 49 -15.77 -21.90 -6.40
C ASP B 49 -16.55 -21.15 -5.33
N ILE B 50 -16.88 -19.88 -5.57
CA ILE B 50 -17.55 -19.11 -4.53
C ILE B 50 -18.85 -19.81 -4.02
N GLY B 51 -18.96 -19.93 -2.71
CA GLY B 51 -20.12 -20.56 -2.06
C GLY B 51 -20.00 -22.06 -1.85
N LYS B 52 -19.25 -22.73 -2.72
CA LYS B 52 -19.31 -24.17 -2.70
C LYS B 52 -18.09 -24.90 -2.12
N VAL B 53 -17.11 -24.12 -1.68
CA VAL B 53 -15.87 -24.64 -1.11
C VAL B 53 -15.62 -23.87 0.19
N HIS B 54 -15.35 -24.62 1.27
CA HIS B 54 -15.06 -23.97 2.55
C HIS B 54 -13.81 -23.06 2.46
N ASN B 55 -12.70 -23.63 1.98
CA ASN B 55 -11.44 -22.89 1.90
C ASN B 55 -11.41 -22.10 0.62
N GLN B 56 -12.18 -21.00 0.62
CA GLN B 56 -12.37 -20.17 -0.57
C GLN B 56 -12.44 -18.75 -0.04
N VAL B 57 -11.77 -17.81 -0.71
CA VAL B 57 -11.59 -16.48 -0.11
C VAL B 57 -12.84 -15.64 0.14
N LYS B 58 -13.99 -15.98 -0.43
CA LYS B 58 -15.22 -15.24 -0.19
C LYS B 58 -16.07 -15.91 0.87
N SER B 59 -15.67 -17.08 1.37
CA SER B 59 -16.49 -17.74 2.38
C SER B 59 -16.50 -16.89 3.66
N ASP B 60 -17.68 -16.72 4.28
CA ASP B 60 -17.83 -15.73 5.37
C ASP B 60 -16.90 -15.91 6.54
N TRP B 61 -16.63 -17.15 6.92
CA TRP B 61 -15.72 -17.37 8.06
C TRP B 61 -14.36 -16.71 7.81
N PHE B 62 -13.91 -16.67 6.56
CA PHE B 62 -12.59 -16.16 6.24
C PHE B 62 -12.63 -14.64 6.27
N LEU B 63 -13.81 -14.05 6.04
CA LEU B 63 -13.88 -12.58 6.10
C LEU B 63 -13.64 -12.03 7.50
N LYS B 64 -13.78 -12.86 8.53
CA LYS B 64 -13.43 -12.48 9.89
C LYS B 64 -11.91 -12.36 10.07
N ILE B 65 -11.14 -12.92 9.12
CA ILE B 65 -9.69 -12.85 9.15
C ILE B 65 -9.22 -11.82 8.15
N CYS B 66 -9.73 -11.88 6.92
CA CYS B 66 -9.41 -10.91 5.89
C CYS B 66 -10.73 -10.33 5.37
N PRO B 67 -11.10 -9.12 5.77
CA PRO B 67 -12.41 -8.56 5.38
C PRO B 67 -12.51 -8.30 3.88
N ASN B 68 -11.35 -8.20 3.22
CA ASN B 68 -11.32 -8.02 1.78
C ASN B 68 -11.57 -9.31 1.00
N GLY B 69 -11.58 -10.46 1.68
CA GLY B 69 -11.83 -11.72 0.96
C GLY B 69 -10.76 -12.03 -0.08
N ARG B 70 -9.50 -11.89 0.32
CA ARG B 70 -8.36 -12.19 -0.56
C ARG B 70 -7.27 -12.84 0.29
N ILE B 71 -6.36 -13.57 -0.37
CA ILE B 71 -5.15 -14.06 0.29
C ILE B 71 -3.99 -13.12 -0.04
N PRO B 72 -2.94 -13.15 0.77
CA PRO B 72 -2.76 -13.94 2.00
C PRO B 72 -3.30 -13.25 3.23
N ALA B 73 -3.47 -14.04 4.27
CA ALA B 73 -3.73 -13.52 5.62
C ALA B 73 -3.12 -14.49 6.57
N ILE B 74 -2.82 -14.00 7.77
CA ILE B 74 -2.39 -14.90 8.83
C ILE B 74 -3.27 -14.74 10.07
N THR B 75 -3.25 -15.75 10.92
CA THR B 75 -3.56 -15.54 12.35
C THR B 75 -2.32 -15.90 13.17
N HIS B 76 -2.08 -15.13 14.21
CA HIS B 76 -0.99 -15.41 15.12
C HIS B 76 -1.62 -15.55 16.50
N GLU B 77 -1.70 -16.78 16.99
N GLU B 77 -1.72 -16.79 16.99
CA GLU B 77 -2.44 -17.06 18.23
CA GLU B 77 -2.44 -17.06 18.24
C GLU B 77 -3.79 -16.37 18.24
C GLU B 77 -3.82 -16.41 18.25
N GLY B 78 -4.48 -16.44 17.11
CA GLY B 78 -5.84 -15.94 16.99
C GLY B 78 -5.95 -14.52 16.46
N PHE B 79 -4.86 -13.76 16.48
CA PHE B 79 -4.86 -12.36 16.03
C PHE B 79 -4.72 -12.34 14.52
N PRO B 80 -5.70 -11.78 13.79
CA PRO B 80 -5.61 -11.79 12.32
C PRO B 80 -4.84 -10.60 11.75
N VAL B 81 -4.14 -10.87 10.65
CA VAL B 81 -3.44 -9.83 9.91
C VAL B 81 -3.67 -10.08 8.44
N PHE B 82 -4.17 -9.08 7.72
CA PHE B 82 -4.32 -9.17 6.25
C PHE B 82 -3.51 -8.07 5.58
N GLU B 83 -3.36 -8.22 4.26
CA GLU B 83 -2.51 -7.38 3.37
C GLU B 83 -1.04 -7.80 3.45
N THR B 84 -0.51 -8.34 2.36
CA THR B 84 0.88 -8.81 2.30
C THR B 84 1.87 -7.98 3.12
N SER B 85 1.96 -6.67 2.81
CA SER B 85 3.02 -5.88 3.43
C SER B 85 2.79 -5.70 4.94
N ALA B 86 1.51 -5.62 5.34
CA ALA B 86 1.21 -5.53 6.77
C ALA B 86 1.57 -6.83 7.49
N ILE B 87 1.36 -7.98 6.81
CA ILE B 87 1.73 -9.27 7.38
C ILE B 87 3.25 -9.35 7.56
N LEU B 88 3.99 -8.89 6.56
CA LEU B 88 5.46 -8.91 6.68
C LEU B 88 5.94 -8.04 7.84
N LEU B 89 5.36 -6.84 7.97
CA LEU B 89 5.74 -5.95 9.08
C LEU B 89 5.38 -6.58 10.42
N TYR B 90 4.21 -7.20 10.51
CA TYR B 90 3.79 -7.82 11.76
C TYR B 90 4.76 -8.93 12.16
N LEU B 91 5.00 -9.82 11.21
CA LEU B 91 5.89 -10.94 11.51
C LEU B 91 7.29 -10.47 11.87
N ALA B 92 7.79 -9.44 11.19
CA ALA B 92 9.11 -8.93 11.55
C ALA B 92 9.11 -8.33 12.97
N GLN B 93 8.07 -7.57 13.31
N GLN B 93 8.03 -7.61 13.28
CA GLN B 93 8.13 -6.91 14.62
CA GLN B 93 7.93 -6.89 14.56
C GLN B 93 8.07 -7.96 15.75
C GLN B 93 7.61 -7.80 15.74
N HIS B 94 7.29 -9.03 15.52
N HIS B 94 7.29 -9.07 15.47
CA HIS B 94 7.10 -10.09 16.54
CA HIS B 94 7.19 -10.02 16.57
C HIS B 94 8.15 -11.19 16.60
C HIS B 94 8.39 -10.96 16.65
N PHE B 95 8.85 -11.43 15.48
CA PHE B 95 9.80 -12.55 15.41
C PHE B 95 11.23 -12.19 14.99
N ASP B 96 11.47 -11.00 14.46
CA ASP B 96 12.81 -10.69 13.96
C ASP B 96 13.54 -9.81 14.98
N LYS B 97 13.81 -10.40 16.13
CA LYS B 97 14.33 -9.65 17.26
C LYS B 97 15.71 -9.06 17.05
N GLU B 98 16.47 -9.62 16.12
CA GLU B 98 17.80 -9.09 15.86
C GLU B 98 17.82 -8.26 14.59
N ASN B 99 16.64 -7.94 14.05
CA ASN B 99 16.59 -7.11 12.85
C ASN B 99 17.41 -7.62 11.69
N ALA B 100 17.24 -8.91 11.39
CA ALA B 100 17.92 -9.50 10.25
C ALA B 100 17.23 -9.15 8.95
N PHE B 101 15.92 -8.87 8.99
CA PHE B 101 15.13 -8.69 7.76
C PHE B 101 14.31 -7.42 7.78
N SER B 102 14.51 -6.59 8.80
CA SER B 102 13.62 -5.46 9.00
C SER B 102 14.34 -4.43 9.87
N ARG B 103 13.87 -3.20 9.78
CA ARG B 103 14.44 -2.11 10.57
C ARG B 103 13.57 -1.78 11.79
N ASP B 104 14.22 -1.37 12.86
CA ASP B 104 13.48 -1.09 14.10
C ASP B 104 12.94 0.36 14.12
N PRO B 105 11.63 0.50 14.38
CA PRO B 105 11.04 1.84 14.36
C PRO B 105 11.60 2.79 15.41
N VAL B 106 12.04 2.27 16.57
CA VAL B 106 12.47 3.13 17.67
C VAL B 106 13.93 3.56 17.50
N LYS B 107 14.79 2.58 17.22
CA LYS B 107 16.23 2.84 17.12
C LYS B 107 16.66 3.32 15.75
N ASP B 108 15.84 3.08 14.73
CA ASP B 108 16.15 3.51 13.36
C ASP B 108 14.90 4.11 12.71
N PRO B 109 14.41 5.23 13.24
CA PRO B 109 13.16 5.80 12.68
C PRO B 109 13.29 6.18 11.19
N LYS B 110 14.44 6.70 10.79
CA LYS B 110 14.60 7.06 9.39
C LYS B 110 14.69 5.83 8.51
N GLY B 111 15.46 4.82 8.91
CA GLY B 111 15.54 3.60 8.13
C GLY B 111 14.20 2.87 8.06
N TYR B 112 13.48 2.84 9.18
CA TYR B 112 12.15 2.24 9.20
C TYR B 112 11.23 2.96 8.24
N SER B 113 11.26 4.30 8.25
CA SER B 113 10.46 5.05 7.29
C SER B 113 10.82 4.68 5.87
N GLU B 114 12.12 4.60 5.55
N GLU B 114 12.10 4.58 5.54
CA GLU B 114 12.53 4.14 4.20
CA GLU B 114 12.46 4.19 4.18
C GLU B 114 11.88 2.82 3.84
C GLU B 114 11.91 2.80 3.81
N GLU B 115 11.93 1.86 4.76
CA GLU B 115 11.35 0.53 4.54
C GLU B 115 9.87 0.65 4.25
N LEU B 116 9.14 1.44 5.04
CA LEU B 116 7.73 1.65 4.77
C LEU B 116 7.49 2.28 3.41
N GLN B 117 8.30 3.27 3.05
CA GLN B 117 8.11 3.94 1.76
C GLN B 117 8.20 2.94 0.60
N TRP B 118 9.23 2.07 0.63
CA TRP B 118 9.39 1.08 -0.45
C TRP B 118 8.30 0.01 -0.42
N LEU B 119 7.87 -0.43 0.77
CA LEU B 119 6.70 -1.32 0.84
C LEU B 119 5.46 -0.69 0.25
N PHE B 120 5.16 0.55 0.63
CA PHE B 120 3.98 1.23 0.09
C PHE B 120 4.13 1.50 -1.41
N PHE B 121 5.34 1.79 -1.88
CA PHE B 121 5.54 1.93 -3.31
C PHE B 121 5.15 0.65 -4.04
N ALA B 122 5.62 -0.51 -3.54
CA ALA B 122 5.27 -1.78 -4.19
C ALA B 122 3.78 -2.05 -4.08
N HIS B 123 3.20 -1.73 -2.93
CA HIS B 123 1.83 -2.10 -2.60
C HIS B 123 0.81 -1.28 -3.38
N GLY B 124 1.18 -0.04 -3.71
CA GLY B 124 0.33 0.83 -4.51
C GLY B 124 0.69 0.91 -5.98
N GLY B 125 1.87 0.42 -6.36
CA GLY B 125 2.37 0.59 -7.72
C GLY B 125 2.57 -0.75 -8.40
N ILE B 126 3.65 -1.47 -8.09
CA ILE B 126 3.96 -2.73 -8.78
C ILE B 126 2.81 -3.73 -8.67
N GLY B 127 2.35 -4.06 -7.47
CA GLY B 127 1.31 -5.09 -7.31
C GLY B 127 0.04 -4.73 -8.08
N PRO B 128 -0.52 -3.55 -7.86
CA PRO B 128 -1.76 -3.22 -8.56
C PRO B 128 -1.59 -3.11 -10.05
N MET B 129 -0.53 -2.47 -10.52
CA MET B 129 -0.40 -2.21 -11.96
C MET B 129 0.00 -3.46 -12.70
N GLN B 130 0.96 -4.24 -12.19
CA GLN B 130 1.32 -5.50 -12.83
C GLN B 130 0.11 -6.43 -12.78
N GLY B 131 -0.66 -6.40 -11.68
CA GLY B 131 -1.88 -7.20 -11.66
C GLY B 131 -2.89 -6.78 -12.72
N GLN B 132 -2.96 -5.51 -13.07
CA GLN B 132 -3.89 -5.09 -14.12
C GLN B 132 -3.36 -5.48 -15.49
N ALA B 133 -2.04 -5.41 -15.69
CA ALA B 133 -1.48 -5.95 -16.90
C ALA B 133 -1.87 -7.44 -17.04
N ASN B 134 -1.72 -8.21 -15.96
CA ASN B 134 -2.13 -9.62 -16.05
C ASN B 134 -3.61 -9.73 -16.34
N HIS B 135 -4.44 -8.87 -15.74
CA HIS B 135 -5.87 -8.92 -16.00
C HIS B 135 -6.21 -8.79 -17.49
N PHE B 136 -5.64 -7.77 -18.14
CA PHE B 136 -5.99 -7.52 -19.52
C PHE B 136 -5.37 -8.52 -20.52
N ASN B 137 -4.42 -9.36 -20.07
CA ASN B 137 -3.97 -10.49 -20.90
C ASN B 137 -4.74 -11.77 -20.67
N LEU B 138 -5.03 -12.06 -19.41
CA LEU B 138 -5.54 -13.36 -19.02
C LEU B 138 -7.03 -13.42 -18.83
N TYR B 139 -7.65 -12.38 -18.28
CA TYR B 139 -9.02 -12.50 -17.79
C TYR B 139 -10.04 -11.64 -18.53
N ALA B 140 -9.64 -10.47 -19.04
CA ALA B 140 -10.57 -9.66 -19.80
C ALA B 140 -11.05 -10.48 -21.00
N PRO B 141 -12.36 -10.53 -21.27
CA PRO B 141 -12.84 -11.36 -22.38
C PRO B 141 -12.43 -10.86 -23.76
N GLU B 142 -12.18 -9.56 -23.92
CA GLU B 142 -11.76 -9.01 -25.19
C GLU B 142 -10.36 -8.45 -25.08
N LYS B 143 -9.66 -8.43 -26.21
CA LYS B 143 -8.39 -7.72 -26.33
C LYS B 143 -8.69 -6.23 -26.43
N ILE B 144 -8.11 -5.49 -25.47
CA ILE B 144 -8.36 -4.04 -25.37
C ILE B 144 -6.99 -3.35 -25.40
N PRO B 145 -6.52 -3.00 -26.62
CA PRO B 145 -5.14 -2.51 -26.69
C PRO B 145 -4.88 -1.28 -25.82
N TYR B 146 -5.85 -0.38 -25.70
CA TYR B 146 -5.60 0.80 -24.86
C TYR B 146 -5.17 0.40 -23.44
N ALA B 147 -5.89 -0.59 -22.88
CA ALA B 147 -5.62 -1.02 -21.54
C ALA B 147 -4.37 -1.87 -21.43
N ILE B 148 -4.19 -2.79 -22.38
CA ILE B 148 -2.96 -3.58 -22.37
C ILE B 148 -1.73 -2.65 -22.44
N ASN B 149 -1.78 -1.66 -23.31
CA ASN B 149 -0.63 -0.74 -23.41
C ASN B 149 -0.48 0.10 -22.15
N ARG B 150 -1.60 0.60 -21.62
CA ARG B 150 -1.56 1.40 -20.39
C ARG B 150 -0.80 0.66 -19.26
N TYR B 151 -1.18 -0.59 -19.04
CA TYR B 151 -0.60 -1.29 -17.89
C TYR B 151 0.81 -1.86 -18.16
N LEU B 152 1.10 -2.20 -19.42
CA LEU B 152 2.48 -2.62 -19.72
C LEU B 152 3.38 -1.40 -19.64
N ASN B 153 2.97 -0.26 -20.18
CA ASN B 153 3.80 0.94 -20.03
C ASN B 153 3.99 1.33 -18.58
N GLU B 154 2.93 1.24 -17.77
CA GLU B 154 3.08 1.62 -16.37
C GLU B 154 3.96 0.62 -15.63
N SER B 155 3.81 -0.67 -15.91
CA SER B 155 4.68 -1.66 -15.29
C SER B 155 6.15 -1.39 -15.67
N LYS B 156 6.44 -1.09 -16.93
CA LYS B 156 7.81 -0.75 -17.34
C LYS B 156 8.32 0.47 -16.56
N ARG B 157 7.51 1.51 -16.39
CA ARG B 157 7.93 2.69 -15.65
C ARG B 157 8.28 2.34 -14.21
N LEU B 158 7.43 1.53 -13.57
CA LEU B 158 7.69 1.15 -12.20
C LEU B 158 8.93 0.27 -12.07
N TYR B 159 9.15 -0.62 -13.04
CA TYR B 159 10.37 -1.45 -13.00
C TYR B 159 11.62 -0.62 -13.24
N ARG B 160 11.49 0.46 -14.02
CA ARG B 160 12.64 1.37 -14.13
C ARG B 160 12.98 2.05 -12.80
N VAL B 161 11.95 2.47 -12.07
CA VAL B 161 12.19 3.05 -10.73
C VAL B 161 12.91 2.01 -9.85
N LEU B 162 12.41 0.77 -9.86
CA LEU B 162 13.06 -0.28 -9.09
C LEU B 162 14.51 -0.57 -9.55
N ASP B 163 14.71 -0.64 -10.86
CA ASP B 163 16.04 -0.94 -11.36
C ASP B 163 17.03 0.17 -10.96
N ASP B 164 16.57 1.42 -11.03
CA ASP B 164 17.44 2.55 -10.64
C ASP B 164 17.77 2.50 -9.14
N ARG B 165 16.82 2.09 -8.31
CA ARG B 165 17.08 1.96 -6.88
C ARG B 165 18.08 0.85 -6.61
N LEU B 166 18.04 -0.20 -7.42
CA LEU B 166 18.99 -1.30 -7.22
C LEU B 166 20.40 -1.06 -7.76
N LYS B 167 20.60 0.01 -8.53
CA LYS B 167 21.95 0.31 -9.03
C LYS B 167 22.90 0.50 -7.84
N GLY B 168 24.02 -0.21 -7.88
CA GLY B 168 25.04 -0.11 -6.85
C GLY B 168 24.76 -0.89 -5.58
N ARG B 169 23.65 -1.65 -5.51
CA ARG B 169 23.33 -2.40 -4.30
C ARG B 169 22.95 -3.80 -4.68
N GLU B 170 22.88 -4.68 -3.69
CA GLU B 170 22.37 -6.02 -3.94
C GLU B 170 20.88 -6.13 -3.58
N TYR B 171 20.39 -5.25 -2.69
CA TYR B 171 19.02 -5.32 -2.16
C TYR B 171 18.50 -3.90 -1.99
N ILE B 172 17.19 -3.73 -1.91
CA ILE B 172 16.59 -2.42 -1.99
C ILE B 172 17.11 -1.47 -0.89
N LEU B 173 17.24 -1.99 0.34
CA LEU B 173 17.74 -1.21 1.47
C LEU B 173 19.11 -1.70 1.92
N GLY B 174 19.87 -2.22 0.95
CA GLY B 174 21.26 -2.60 1.19
C GLY B 174 21.34 -4.05 1.61
N THR B 175 20.77 -4.34 2.77
N THR B 175 20.83 -4.35 2.80
CA THR B 175 20.69 -5.68 3.32
CA THR B 175 20.70 -5.71 3.28
C THR B 175 19.30 -6.26 3.01
C THR B 175 19.31 -6.24 2.92
N TYR B 176 19.26 -7.53 2.57
CA TYR B 176 18.00 -8.23 2.23
C TYR B 176 17.00 -8.15 3.36
N GLY B 177 15.78 -7.80 2.99
CA GLY B 177 14.73 -7.76 4.02
C GLY B 177 13.35 -7.75 3.41
N ILE B 178 12.41 -7.32 4.25
CA ILE B 178 11.00 -7.47 3.86
C ILE B 178 10.56 -6.62 2.66
N ALA B 179 11.27 -5.53 2.37
CA ALA B 179 10.94 -4.81 1.13
C ALA B 179 11.33 -5.61 -0.10
N ASP B 180 12.46 -6.31 -0.04
CA ASP B 180 12.78 -7.22 -1.16
C ASP B 180 11.77 -8.33 -1.29
N ILE B 181 11.42 -8.95 -0.16
CA ILE B 181 10.49 -10.08 -0.20
C ILE B 181 9.15 -9.68 -0.81
N LYS B 182 8.62 -8.52 -0.43
CA LYS B 182 7.34 -8.08 -1.00
C LYS B 182 7.41 -7.93 -2.51
N ILE B 183 8.43 -7.22 -3.00
CA ILE B 183 8.49 -6.95 -4.44
C ILE B 183 8.84 -8.22 -5.21
N PHE B 184 9.68 -9.08 -4.64
CA PHE B 184 10.13 -10.29 -5.32
C PHE B 184 8.99 -11.19 -5.81
N GLY B 185 7.91 -11.28 -5.00
CA GLY B 185 6.76 -12.10 -5.40
C GLY B 185 6.23 -11.72 -6.78
N TRP B 186 6.17 -10.42 -7.05
CA TRP B 186 5.77 -9.93 -8.37
C TRP B 186 6.88 -9.93 -9.39
N ALA B 187 8.10 -9.58 -9.00
CA ALA B 187 9.16 -9.47 -9.98
C ALA B 187 9.49 -10.83 -10.59
N ARG B 188 9.37 -11.91 -9.82
CA ARG B 188 9.74 -13.19 -10.37
C ARG B 188 8.75 -13.67 -11.46
N ILE B 189 7.55 -13.07 -11.52
CA ILE B 189 6.64 -13.39 -12.62
C ILE B 189 6.54 -12.26 -13.62
N ALA B 190 7.43 -11.28 -13.54
CA ALA B 190 7.46 -10.23 -14.56
C ALA B 190 7.59 -10.71 -16.02
N PRO B 191 8.41 -11.72 -16.30
CA PRO B 191 8.54 -12.17 -17.70
C PRO B 191 7.17 -12.64 -18.25
N ARG B 192 6.39 -13.31 -17.40
CA ARG B 192 5.12 -13.87 -17.85
C ARG B 192 4.10 -12.77 -18.04
N THR B 193 4.35 -11.61 -17.47
CA THR B 193 3.47 -10.48 -17.66
C THR B 193 3.78 -9.80 -18.97
N GLY B 194 4.95 -10.05 -19.54
CA GLY B 194 5.34 -9.36 -20.75
C GLY B 194 6.46 -8.33 -20.57
N LEU B 195 6.99 -8.20 -19.37
CA LEU B 195 8.19 -7.41 -19.15
C LEU B 195 9.41 -8.24 -19.56
N ASP B 196 10.45 -7.58 -20.04
CA ASP B 196 11.71 -8.26 -20.31
C ASP B 196 12.65 -7.94 -19.16
N LEU B 197 12.92 -8.89 -18.27
CA LEU B 197 13.87 -8.60 -17.18
C LEU B 197 15.28 -8.27 -17.66
N ASP B 198 15.63 -8.63 -18.89
CA ASP B 198 16.94 -8.28 -19.45
C ASP B 198 16.99 -6.76 -19.67
N GLU B 199 15.83 -6.09 -19.72
CA GLU B 199 15.77 -4.62 -19.85
C GLU B 199 15.99 -3.93 -18.51
N PHE B 200 15.92 -4.72 -17.44
CA PHE B 200 16.07 -4.19 -16.07
C PHE B 200 17.11 -5.05 -15.36
N PRO B 201 18.38 -4.94 -15.79
CA PRO B 201 19.39 -5.94 -15.39
C PRO B 201 19.68 -5.93 -13.89
N ASN B 202 19.49 -4.80 -13.22
CA ASN B 202 19.63 -4.80 -11.76
C ASN B 202 18.50 -5.57 -11.10
N VAL B 203 17.27 -5.37 -11.57
CA VAL B 203 16.17 -6.18 -11.13
C VAL B 203 16.42 -7.67 -11.44
N LYS B 204 16.87 -7.99 -12.66
CA LYS B 204 17.07 -9.39 -13.03
C LYS B 204 18.06 -10.11 -12.08
N ALA B 205 19.20 -9.46 -11.83
CA ALA B 205 20.19 -10.09 -10.95
C ALA B 205 19.69 -10.23 -9.53
N TRP B 206 18.87 -9.26 -9.08
CA TRP B 206 18.29 -9.29 -7.76
C TRP B 206 17.25 -10.42 -7.64
N VAL B 207 16.40 -10.59 -8.64
CA VAL B 207 15.51 -11.75 -8.65
C VAL B 207 16.30 -13.07 -8.54
N GLU B 208 17.36 -13.19 -9.34
CA GLU B 208 18.14 -14.44 -9.34
C GLU B 208 18.82 -14.66 -7.97
N ARG B 209 19.34 -13.60 -7.36
CA ARG B 209 19.98 -13.70 -6.05
C ARG B 209 18.98 -14.19 -4.99
N ILE B 210 17.73 -13.75 -5.11
CA ILE B 210 16.72 -14.14 -4.12
C ILE B 210 16.17 -15.53 -4.41
N GLU B 211 15.94 -15.83 -5.69
CA GLU B 211 15.38 -17.12 -6.07
C GLU B 211 16.25 -18.28 -5.55
N LYS B 212 17.56 -18.09 -5.51
N LYS B 212 17.56 -18.08 -5.52
CA LYS B 212 18.46 -19.16 -5.11
CA LYS B 212 18.50 -19.11 -5.08
C LYS B 212 18.57 -19.36 -3.58
C LYS B 212 18.40 -19.47 -3.60
N ARG B 213 17.83 -18.59 -2.78
CA ARG B 213 17.87 -18.79 -1.33
C ARG B 213 17.02 -20.00 -0.93
N PRO B 214 17.57 -20.91 -0.11
CA PRO B 214 16.75 -22.08 0.24
C PRO B 214 15.45 -21.70 0.93
N ALA B 215 15.46 -20.67 1.76
CA ALA B 215 14.21 -20.31 2.42
C ALA B 215 13.16 -19.79 1.45
N VAL B 216 13.59 -19.12 0.40
CA VAL B 216 12.68 -18.63 -0.63
C VAL B 216 12.03 -19.80 -1.33
N GLN B 217 12.83 -20.78 -1.74
CA GLN B 217 12.23 -21.98 -2.34
C GLN B 217 11.27 -22.68 -1.39
N ALA B 218 11.65 -22.82 -0.13
CA ALA B 218 10.74 -23.48 0.82
C ALA B 218 9.45 -22.69 0.97
N GLY B 219 9.53 -21.38 1.07
CA GLY B 219 8.32 -20.57 1.21
C GLY B 219 7.43 -20.68 -0.03
N ILE B 220 7.99 -20.58 -1.23
CA ILE B 220 7.18 -20.71 -2.43
C ILE B 220 6.52 -22.09 -2.47
N ASN B 221 7.31 -23.14 -2.21
CA ASN B 221 6.77 -24.50 -2.32
C ASN B 221 5.69 -24.80 -1.28
N SER B 222 5.70 -24.08 -0.17
CA SER B 222 4.68 -24.32 0.87
C SER B 222 3.30 -23.94 0.39
N CYS B 223 3.23 -23.15 -0.67
CA CYS B 223 1.92 -22.66 -1.12
C CYS B 223 1.23 -23.60 -2.10
N ASN B 224 1.89 -24.66 -2.51
CA ASN B 224 1.32 -25.58 -3.53
C ASN B 224 0.39 -26.61 -2.94
#